data_6J05
#
_entry.id   6J05
#
_cell.length_a   46.922
_cell.length_b   42.727
_cell.length_c   49.132
_cell.angle_alpha   90.00
_cell.angle_beta   117.62
_cell.angle_gamma   90.00
#
_symmetry.space_group_name_H-M   'P 1 21 1'
#
loop_
_entity.id
_entity.type
_entity.pdbx_description
1 polymer 'Transcriptional regulator ArsR'
2 non-polymer ARSENIC
3 non-polymer 'SODIUM ION'
4 water water
#
_entity_poly.entity_id   1
_entity_poly.type   'polypeptide(L)'
_entity_poly.pdbx_seq_one_letter_code
;MEPLQDPAQIVARLEALASPVRLEIFRLLVEQEPTGLVSGDIAEHLGQPHNGISFHLKNLQHAGLVTVQREGRYQRYRAA
MPVVRALVAYLTENCCHGTRDCALSGETRSPSVQEGNQHHHHHH
;
_entity_poly.pdbx_strand_id   A,B
#
loop_
_chem_comp.id
_chem_comp.type
_chem_comp.name
_chem_comp.formula
ARS non-polymer ARSENIC As
NA non-polymer 'SODIUM ION' 'Na 1'
#
# COMPACT_ATOMS: atom_id res chain seq x y z
N GLN A 5 14.69 5.41 -2.46
CA GLN A 5 13.49 6.07 -1.88
C GLN A 5 13.57 6.35 -0.40
N ASP A 6 13.25 7.58 -0.04
CA ASP A 6 12.98 7.93 1.32
C ASP A 6 11.75 7.10 1.93
N PRO A 7 11.94 6.49 3.10
CA PRO A 7 10.78 5.94 3.88
C PRO A 7 9.69 6.93 4.23
N ALA A 8 9.99 8.17 4.53
CA ALA A 8 8.96 9.12 4.74
C ALA A 8 8.11 9.32 3.42
N GLN A 9 8.64 9.32 2.24
CA GLN A 9 7.81 9.42 0.99
C GLN A 9 6.89 8.18 0.82
N ILE A 10 7.43 7.02 1.16
CA ILE A 10 6.64 5.75 1.17
C ILE A 10 5.44 5.77 2.11
N VAL A 11 5.65 6.12 3.37
CA VAL A 11 4.52 6.24 4.32
C VAL A 11 3.53 7.23 3.82
N ALA A 12 3.99 8.38 3.35
CA ALA A 12 3.08 9.48 2.81
C ALA A 12 2.22 8.93 1.66
N ARG A 13 2.85 8.18 0.71
CA ARG A 13 2.13 7.50 -0.36
C ARG A 13 1.03 6.53 0.17
N LEU A 14 1.38 5.73 1.15
CA LEU A 14 0.38 4.83 1.80
C LEU A 14 -0.70 5.58 2.48
N GLU A 15 -0.34 6.63 3.19
CA GLU A 15 -1.38 7.51 3.77
C GLU A 15 -2.29 8.09 2.72
N ALA A 16 -1.74 8.57 1.62
CA ALA A 16 -2.63 9.16 0.57
C ALA A 16 -3.58 8.13 0.03
N LEU A 17 -3.14 6.87 -0.10
CA LEU A 17 -4.01 5.85 -0.67
C LEU A 17 -4.99 5.28 0.35
N ALA A 18 -4.69 5.44 1.63
CA ALA A 18 -5.56 4.83 2.70
C ALA A 18 -6.73 5.70 3.08
N SER A 19 -7.48 6.01 2.07
CA SER A 19 -8.57 6.95 2.18
C SER A 19 -9.62 6.48 1.13
N PRO A 20 -10.88 6.11 1.53
CA PRO A 20 -11.77 5.56 0.53
C PRO A 20 -11.96 6.39 -0.74
N VAL A 21 -12.23 7.65 -0.55
CA VAL A 21 -12.43 8.48 -1.78
C VAL A 21 -11.14 8.67 -2.62
N ARG A 22 -9.96 8.85 -1.96
CA ARG A 22 -8.70 8.93 -2.65
C ARG A 22 -8.33 7.66 -3.37
N LEU A 23 -8.62 6.52 -2.80
CA LEU A 23 -8.41 5.28 -3.48
C LEU A 23 -9.34 5.12 -4.69
N GLU A 24 -10.58 5.52 -4.57
CA GLU A 24 -11.49 5.40 -5.68
C GLU A 24 -11.00 6.28 -6.82
N ILE A 25 -10.56 7.53 -6.51
CA ILE A 25 -10.03 8.49 -7.56
C ILE A 25 -8.80 7.87 -8.23
N PHE A 26 -7.90 7.37 -7.45
CA PHE A 26 -6.61 6.84 -8.01
C PHE A 26 -6.85 5.60 -8.86
N ARG A 27 -7.74 4.64 -8.43
CA ARG A 27 -8.05 3.42 -9.24
C ARG A 27 -8.70 3.87 -10.60
N LEU A 28 -9.56 4.93 -10.53
CA LEU A 28 -10.16 5.43 -11.77
C LEU A 28 -9.10 5.95 -12.77
N LEU A 29 -8.15 6.71 -12.20
CA LEU A 29 -7.07 7.22 -12.97
C LEU A 29 -6.20 6.08 -13.51
N VAL A 30 -5.90 5.05 -12.70
CA VAL A 30 -5.15 3.90 -13.20
C VAL A 30 -5.87 3.30 -14.43
N GLU A 31 -7.17 3.12 -14.24
CA GLU A 31 -8.06 2.61 -15.33
C GLU A 31 -8.05 3.50 -16.62
N GLN A 32 -7.82 4.79 -16.49
CA GLN A 32 -7.89 5.78 -17.54
C GLN A 32 -6.51 6.19 -18.08
N GLU A 33 -5.51 5.43 -17.77
CA GLU A 33 -4.18 5.58 -18.42
C GLU A 33 -4.25 5.14 -19.90
N PRO A 34 -3.52 5.84 -20.75
CA PRO A 34 -2.66 7.00 -20.43
C PRO A 34 -3.22 8.44 -20.57
N THR A 35 -4.47 8.55 -20.96
CA THR A 35 -5.11 9.82 -21.24
C THR A 35 -5.47 10.68 -19.99
N GLY A 36 -5.70 10.00 -18.87
CA GLY A 36 -6.10 10.71 -17.64
C GLY A 36 -7.47 11.41 -17.77
N LEU A 37 -7.76 12.26 -16.83
CA LEU A 37 -9.06 12.96 -16.80
C LEU A 37 -8.91 14.31 -16.20
N VAL A 38 -9.76 15.23 -16.71
CA VAL A 38 -9.94 16.54 -16.06
C VAL A 38 -10.76 16.33 -14.76
N SER A 39 -10.41 17.13 -13.74
CA SER A 39 -11.01 16.96 -12.41
C SER A 39 -12.57 16.96 -12.40
N GLY A 40 -13.17 17.82 -13.22
CA GLY A 40 -14.63 17.96 -13.32
C GLY A 40 -15.22 16.64 -13.77
N ASP A 41 -14.50 15.94 -14.65
CA ASP A 41 -14.98 14.61 -15.13
C ASP A 41 -14.90 13.50 -14.11
N ILE A 42 -13.79 13.59 -13.31
CA ILE A 42 -13.55 12.70 -12.15
C ILE A 42 -14.76 12.87 -11.17
N ALA A 43 -14.98 14.12 -10.78
CA ALA A 43 -16.18 14.39 -9.86
C ALA A 43 -17.53 14.02 -10.45
N GLU A 44 -17.74 14.29 -11.74
CA GLU A 44 -18.97 13.91 -12.32
CA GLU A 44 -19.00 13.85 -12.39
C GLU A 44 -19.16 12.35 -12.31
N HIS A 45 -18.11 11.59 -12.65
CA HIS A 45 -18.19 10.13 -12.68
C HIS A 45 -18.53 9.57 -11.32
N LEU A 46 -17.94 10.15 -10.28
CA LEU A 46 -18.12 9.64 -8.96
C LEU A 46 -19.34 10.23 -8.32
N GLY A 47 -19.95 11.21 -8.94
CA GLY A 47 -21.19 11.83 -8.43
C GLY A 47 -20.98 12.59 -7.17
N GLN A 48 -19.81 13.25 -7.11
CA GLN A 48 -19.42 14.02 -5.99
C GLN A 48 -19.16 15.48 -6.32
N PRO A 49 -19.35 16.36 -5.33
CA PRO A 49 -18.94 17.77 -5.64
C PRO A 49 -17.45 17.94 -6.01
N HIS A 50 -17.23 18.83 -6.96
CA HIS A 50 -15.88 19.07 -7.42
C HIS A 50 -14.88 19.56 -6.32
N ASN A 51 -15.38 20.43 -5.41
CA ASN A 51 -14.51 20.94 -4.36
C ASN A 51 -13.74 19.80 -3.56
N GLY A 52 -14.47 18.82 -3.12
CA GLY A 52 -13.84 17.59 -2.43
C GLY A 52 -12.94 16.75 -3.32
N ILE A 53 -13.34 16.57 -4.56
CA ILE A 53 -12.52 15.75 -5.49
C ILE A 53 -11.21 16.52 -5.78
N SER A 54 -11.27 17.79 -6.03
CA SER A 54 -10.07 18.59 -6.30
C SER A 54 -9.15 18.45 -5.10
N PHE A 55 -9.74 18.59 -3.89
CA PHE A 55 -8.91 18.53 -2.68
C PHE A 55 -8.11 17.21 -2.62
N HIS A 56 -8.81 16.13 -2.87
CA HIS A 56 -8.22 14.76 -2.77
C HIS A 56 -7.16 14.53 -3.88
N LEU A 57 -7.37 15.10 -5.06
CA LEU A 57 -6.40 15.08 -6.19
C LEU A 57 -5.07 15.77 -5.73
N LYS A 58 -5.28 16.85 -5.04
CA LYS A 58 -4.08 17.66 -4.52
C LYS A 58 -3.23 16.85 -3.56
N ASN A 59 -3.93 16.15 -2.68
CA ASN A 59 -3.30 15.27 -1.73
C ASN A 59 -2.55 14.18 -2.49
N LEU A 60 -3.18 13.58 -3.49
CA LEU A 60 -2.47 12.56 -4.29
C LEU A 60 -1.26 13.23 -5.07
N GLN A 61 -1.46 14.47 -5.49
CA GLN A 61 -0.41 15.19 -6.21
C GLN A 61 0.82 15.52 -5.31
N HIS A 62 0.58 15.97 -4.11
CA HIS A 62 1.69 16.18 -3.09
C HIS A 62 2.48 14.91 -2.85
N ALA A 63 1.73 13.80 -2.75
CA ALA A 63 2.34 12.46 -2.61
C ALA A 63 3.07 11.91 -3.83
N GLY A 64 2.89 12.58 -4.96
CA GLY A 64 3.57 12.21 -6.19
C GLY A 64 2.85 11.09 -6.94
N LEU A 65 1.65 10.73 -6.48
CA LEU A 65 1.00 9.61 -7.06
C LEU A 65 0.18 10.05 -8.29
N VAL A 66 -0.01 11.37 -8.51
CA VAL A 66 -0.65 11.89 -9.75
C VAL A 66 0.16 13.12 -10.28
N THR A 67 0.21 13.22 -11.61
CA THR A 67 0.75 14.35 -12.30
C THR A 67 -0.44 15.20 -12.87
N VAL A 68 -0.14 16.47 -13.10
CA VAL A 68 -1.23 17.46 -13.44
C VAL A 68 -0.72 18.40 -14.51
N GLN A 69 -1.63 18.80 -15.40
CA GLN A 69 -1.35 19.67 -16.51
C GLN A 69 -2.53 20.63 -16.65
N ARG A 70 -2.31 21.94 -16.92
CA ARG A 70 -3.40 22.90 -17.18
C ARG A 70 -4.11 22.65 -18.53
N GLU A 71 -5.44 22.79 -18.51
CA GLU A 71 -6.30 22.68 -19.76
C GLU A 71 -7.56 23.55 -19.46
N GLY A 72 -7.37 24.89 -19.39
CA GLY A 72 -8.44 25.92 -18.97
C GLY A 72 -9.30 25.71 -17.73
N ARG A 73 -10.62 25.65 -17.93
CA ARG A 73 -11.63 25.33 -16.93
C ARG A 73 -11.18 24.42 -15.74
N TYR A 74 -10.73 23.20 -16.03
CA TYR A 74 -10.09 22.29 -15.00
C TYR A 74 -8.59 22.02 -15.46
N GLN A 75 -8.01 21.20 -14.63
CA GLN A 75 -6.71 20.60 -14.67
C GLN A 75 -6.90 19.12 -15.08
N ARG A 76 -6.06 18.63 -15.97
CA ARG A 76 -6.01 17.19 -16.32
C ARG A 76 -5.03 16.41 -15.42
N TYR A 77 -5.58 15.37 -14.75
CA TYR A 77 -4.79 14.45 -13.91
C TYR A 77 -4.50 13.14 -14.53
N ARG A 78 -3.29 12.61 -14.22
CA ARG A 78 -2.98 11.28 -14.53
C ARG A 78 -2.41 10.50 -13.33
N ALA A 79 -2.69 9.21 -13.25
CA ALA A 79 -1.91 8.37 -12.33
C ALA A 79 -0.45 8.40 -12.80
N ALA A 80 0.45 8.51 -11.86
CA ALA A 80 1.88 8.44 -12.12
C ALA A 80 2.24 6.96 -11.88
N MET A 81 2.07 6.19 -12.94
CA MET A 81 2.32 4.80 -12.80
C MET A 81 3.81 4.46 -12.43
N PRO A 82 4.82 5.21 -12.91
CA PRO A 82 6.21 4.81 -12.39
C PRO A 82 6.33 4.90 -10.82
N VAL A 83 5.57 5.82 -10.20
CA VAL A 83 5.65 6.04 -8.75
C VAL A 83 4.90 4.91 -8.00
N VAL A 84 3.84 4.48 -8.57
CA VAL A 84 3.07 3.41 -7.99
C VAL A 84 3.83 2.05 -8.16
N ARG A 85 4.38 1.82 -9.32
N ARG A 85 4.44 1.83 -9.32
CA ARG A 85 5.24 0.66 -9.49
CA ARG A 85 5.28 0.66 -9.52
C ARG A 85 6.41 0.69 -8.47
C ARG A 85 6.47 0.67 -8.53
N ALA A 86 7.06 1.85 -8.31
CA ALA A 86 8.14 2.01 -7.37
C ALA A 86 7.61 1.68 -5.92
N LEU A 87 6.37 2.08 -5.58
CA LEU A 87 5.87 1.81 -4.24
C LEU A 87 5.79 0.26 -4.06
N VAL A 88 5.24 -0.40 -5.06
CA VAL A 88 5.10 -1.87 -4.90
C VAL A 88 6.44 -2.63 -4.93
N ALA A 89 7.43 -2.21 -5.74
CA ALA A 89 8.76 -2.77 -5.70
C ALA A 89 9.32 -2.52 -4.25
N TYR A 90 9.14 -1.31 -3.64
CA TYR A 90 9.61 -1.11 -2.24
C TYR A 90 8.96 -2.07 -1.28
N LEU A 91 7.65 -2.27 -1.40
CA LEU A 91 6.94 -3.21 -0.43
C LEU A 91 7.41 -4.69 -0.53
N THR A 92 7.81 -5.07 -1.73
CA THR A 92 8.30 -6.43 -2.08
C THR A 92 9.88 -6.62 -2.11
N GLU A 93 10.60 -5.60 -1.65
CA GLU A 93 12.04 -5.53 -1.97
C GLU A 93 12.67 -6.65 -1.15
N ASN A 94 13.61 -7.31 -1.73
CA ASN A 94 14.41 -8.32 -0.98
C ASN A 94 13.55 -9.52 -0.56
N CYS A 95 12.43 -9.73 -1.27
CA CYS A 95 11.57 -10.89 -0.92
C CYS A 95 12.43 -12.20 -0.87
N CYS A 96 12.20 -13.08 0.12
CA CYS A 96 12.91 -14.33 0.23
C CYS A 96 14.44 -14.17 0.21
N HIS A 97 14.86 -13.40 1.18
CA HIS A 97 16.27 -13.16 1.49
C HIS A 97 17.00 -12.57 0.24
N GLY A 98 16.32 -11.72 -0.51
CA GLY A 98 16.92 -11.06 -1.69
C GLY A 98 16.87 -11.89 -2.92
N THR A 99 16.49 -13.17 -2.77
CA THR A 99 16.46 -14.08 -3.93
C THR A 99 15.30 -13.77 -4.93
N ARG A 100 14.21 -13.22 -4.40
CA ARG A 100 12.92 -13.11 -5.07
C ARG A 100 12.36 -14.54 -5.48
N ASP A 101 12.80 -15.64 -4.82
CA ASP A 101 12.35 -17.07 -5.09
C ASP A 101 11.03 -17.45 -4.38
N CYS A 102 9.96 -16.83 -4.83
CA CYS A 102 8.57 -17.23 -4.46
C CYS A 102 7.61 -16.63 -5.53
N ALA A 103 6.35 -17.08 -5.48
CA ALA A 103 5.34 -16.59 -6.42
C ALA A 103 5.09 -15.11 -6.06
N LEU A 104 5.62 -14.25 -6.90
CA LEU A 104 5.32 -12.81 -6.96
C LEU A 104 4.52 -12.43 -8.32
N SER A 105 4.39 -13.32 -9.34
CA SER A 105 3.67 -13.00 -10.62
C SER A 105 2.14 -13.17 -10.51
N LEU B 4 -13.16 -9.92 -6.49
CA LEU B 4 -13.89 -8.74 -5.87
C LEU B 4 -13.23 -8.27 -4.57
N GLN B 5 -12.50 -7.17 -4.54
CA GLN B 5 -11.78 -6.86 -3.30
C GLN B 5 -12.47 -5.75 -2.55
N ASP B 6 -12.79 -5.97 -1.30
CA ASP B 6 -13.51 -4.99 -0.53
C ASP B 6 -12.57 -3.67 -0.42
N PRO B 7 -12.96 -2.51 -1.04
CA PRO B 7 -12.12 -1.26 -0.84
C PRO B 7 -11.94 -0.88 0.64
N ALA B 8 -12.94 -1.12 1.48
CA ALA B 8 -12.74 -1.04 2.96
C ALA B 8 -11.58 -1.97 3.48
N GLN B 9 -11.44 -3.16 2.92
CA GLN B 9 -10.25 -4.10 3.27
C GLN B 9 -8.91 -3.57 2.74
N ILE B 10 -8.93 -3.04 1.51
CA ILE B 10 -7.71 -2.41 0.87
C ILE B 10 -7.22 -1.18 1.64
N VAL B 11 -8.15 -0.26 1.95
CA VAL B 11 -7.94 0.83 2.91
C VAL B 11 -7.34 0.37 4.19
N ALA B 12 -7.92 -0.64 4.80
CA ALA B 12 -7.41 -1.05 6.14
C ALA B 12 -5.98 -1.61 5.95
N ARG B 13 -5.73 -2.34 4.87
CA ARG B 13 -4.32 -2.82 4.62
C ARG B 13 -3.33 -1.69 4.43
N LEU B 14 -3.68 -0.70 3.64
CA LEU B 14 -2.79 0.48 3.42
C LEU B 14 -2.61 1.27 4.78
N GLU B 15 -3.71 1.51 5.52
CA GLU B 15 -3.60 2.06 6.88
C GLU B 15 -2.66 1.19 7.79
N ALA B 16 -2.77 -0.11 7.71
CA ALA B 16 -1.88 -1.03 8.57
C ALA B 16 -0.41 -0.80 8.19
N LEU B 17 -0.13 -0.53 6.93
CA LEU B 17 1.24 -0.22 6.39
C LEU B 17 1.80 1.20 6.59
N ALA B 18 0.90 2.16 6.72
CA ALA B 18 1.24 3.55 6.78
C ALA B 18 1.77 3.92 8.21
N SER B 19 2.67 3.16 8.76
CA SER B 19 3.26 3.45 10.08
C SER B 19 4.74 2.97 9.90
N PRO B 20 5.81 3.80 10.23
CA PRO B 20 7.16 3.25 10.10
C PRO B 20 7.36 1.86 10.71
N VAL B 21 6.94 1.71 11.93
CA VAL B 21 7.15 0.41 12.62
C VAL B 21 6.39 -0.77 11.98
N ARG B 22 5.13 -0.59 11.59
CA ARG B 22 4.38 -1.66 10.95
C ARG B 22 5.01 -1.91 9.55
N LEU B 23 5.39 -0.87 8.83
CA LEU B 23 6.04 -1.08 7.54
C LEU B 23 7.37 -1.95 7.69
N GLU B 24 8.14 -1.68 8.70
CA GLU B 24 9.38 -2.38 8.96
C GLU B 24 9.12 -3.82 9.24
N ILE B 25 8.11 -4.08 10.07
CA ILE B 25 7.77 -5.47 10.42
C ILE B 25 7.39 -6.23 9.13
N PHE B 26 6.48 -5.64 8.40
CA PHE B 26 5.99 -6.18 7.17
C PHE B 26 7.13 -6.50 6.15
N ARG B 27 8.00 -5.51 5.91
N ARG B 27 8.00 -5.52 5.93
CA ARG B 27 9.13 -5.64 4.98
CA ARG B 27 9.10 -5.62 4.96
C ARG B 27 10.20 -6.61 5.46
C ARG B 27 10.29 -6.48 5.43
N LEU B 28 10.40 -6.67 6.74
CA LEU B 28 11.24 -7.71 7.27
C LEU B 28 10.61 -9.12 6.99
N LEU B 29 9.28 -9.32 7.22
CA LEU B 29 8.60 -10.56 6.97
C LEU B 29 8.52 -10.94 5.51
N VAL B 30 8.33 -9.99 4.61
CA VAL B 30 8.57 -10.28 3.16
C VAL B 30 9.99 -10.87 2.84
N GLU B 31 11.03 -10.24 3.36
CA GLU B 31 12.39 -10.69 3.15
C GLU B 31 12.66 -12.10 3.84
N GLN B 32 11.96 -12.39 4.89
CA GLN B 32 12.10 -13.66 5.61
C GLN B 32 11.14 -14.82 5.05
N GLU B 33 10.44 -14.59 3.90
CA GLU B 33 9.70 -15.66 3.29
C GLU B 33 10.64 -16.76 2.81
N PRO B 34 10.17 -18.00 2.83
CA PRO B 34 8.81 -18.49 3.33
C PRO B 34 8.83 -19.05 4.72
N THR B 35 9.83 -18.78 5.53
CA THR B 35 9.84 -19.37 6.86
C THR B 35 9.40 -18.38 7.94
N GLY B 36 9.55 -17.08 7.75
CA GLY B 36 9.04 -16.11 8.72
C GLY B 36 9.90 -16.08 9.91
N LEU B 37 9.39 -15.37 10.94
CA LEU B 37 10.15 -15.12 12.16
C LEU B 37 9.34 -15.30 13.43
N VAL B 38 9.99 -15.75 14.52
CA VAL B 38 9.27 -15.63 15.83
C VAL B 38 9.24 -14.18 16.21
N SER B 39 8.18 -13.79 16.90
CA SER B 39 8.03 -12.41 17.29
C SER B 39 9.19 -11.76 18.09
N GLY B 40 9.89 -12.56 18.93
CA GLY B 40 11.12 -12.12 19.59
C GLY B 40 12.23 -11.71 18.63
N ASP B 41 12.40 -12.42 17.52
CA ASP B 41 13.40 -12.02 16.45
C ASP B 41 12.98 -10.81 15.66
N ILE B 42 11.69 -10.67 15.47
CA ILE B 42 11.25 -9.42 14.84
C ILE B 42 11.60 -8.23 15.71
N ALA B 43 11.30 -8.32 17.01
CA ALA B 43 11.54 -7.28 17.96
C ALA B 43 13.03 -6.86 18.03
N GLU B 44 13.96 -7.80 18.04
CA GLU B 44 15.37 -7.59 17.90
C GLU B 44 15.81 -6.86 16.64
N HIS B 45 15.23 -7.28 15.50
CA HIS B 45 15.58 -6.58 14.23
C HIS B 45 15.11 -5.12 14.29
N LEU B 46 14.02 -4.91 15.02
CA LEU B 46 13.50 -3.57 15.22
C LEU B 46 14.08 -2.80 16.37
N GLY B 47 14.84 -3.36 17.30
CA GLY B 47 15.24 -2.59 18.57
C GLY B 47 13.97 -2.09 19.30
N GLN B 48 12.95 -2.91 19.47
CA GLN B 48 11.66 -2.52 20.08
C GLN B 48 11.30 -3.54 21.12
N PRO B 49 10.56 -3.14 22.19
CA PRO B 49 10.11 -4.19 23.15
C PRO B 49 9.18 -5.23 22.52
N HIS B 50 9.42 -6.47 22.90
CA HIS B 50 8.69 -7.62 22.35
C HIS B 50 7.14 -7.42 22.49
N ASN B 51 6.69 -6.72 23.54
CA ASN B 51 5.22 -6.59 23.80
C ASN B 51 4.42 -5.70 22.76
N GLY B 52 4.98 -4.51 22.52
CA GLY B 52 4.60 -3.63 21.48
C GLY B 52 4.65 -4.36 20.14
N ILE B 53 5.74 -5.05 19.81
CA ILE B 53 5.77 -5.79 18.52
C ILE B 53 4.54 -6.72 18.39
N SER B 54 4.14 -7.40 19.51
CA SER B 54 2.93 -8.33 19.53
C SER B 54 1.56 -7.65 19.20
N PHE B 55 1.43 -6.39 19.62
CA PHE B 55 0.34 -5.48 19.22
C PHE B 55 0.25 -5.03 17.71
N HIS B 56 1.36 -4.43 17.25
CA HIS B 56 1.66 -4.19 15.82
C HIS B 56 1.43 -5.42 14.96
N LEU B 57 1.87 -6.56 15.45
CA LEU B 57 1.67 -7.81 14.69
C LEU B 57 0.19 -8.15 14.58
N LYS B 58 -0.58 -7.86 15.68
CA LYS B 58 -2.01 -8.19 15.73
C LYS B 58 -2.83 -7.22 14.77
N ASN B 59 -2.34 -6.00 14.68
CA ASN B 59 -2.87 -5.06 13.74
C ASN B 59 -2.64 -5.53 12.23
N LEU B 60 -1.41 -5.93 11.90
CA LEU B 60 -1.17 -6.52 10.59
C LEU B 60 -1.94 -7.82 10.33
N GLN B 61 -2.16 -8.60 11.39
CA GLN B 61 -2.77 -9.91 11.26
C GLN B 61 -4.26 -9.72 11.05
N HIS B 62 -4.81 -8.76 11.74
CA HIS B 62 -6.21 -8.49 11.56
C HIS B 62 -6.46 -7.95 10.11
N ALA B 63 -5.54 -7.19 9.54
CA ALA B 63 -5.71 -6.75 8.17
C ALA B 63 -5.42 -7.85 7.09
N GLY B 64 -4.87 -8.98 7.49
CA GLY B 64 -4.63 -10.07 6.60
C GLY B 64 -3.20 -10.09 5.97
N LEU B 65 -2.34 -9.12 6.30
CA LEU B 65 -1.10 -8.99 5.61
C LEU B 65 -0.02 -9.95 6.22
N VAL B 66 -0.30 -10.45 7.41
CA VAL B 66 0.62 -11.30 8.15
C VAL B 66 -0.29 -12.45 8.69
N THR B 67 0.27 -13.68 8.70
CA THR B 67 -0.44 -14.90 9.17
C THR B 67 0.56 -15.58 10.13
N VAL B 68 0.05 -16.44 11.01
CA VAL B 68 0.88 -17.24 11.94
C VAL B 68 0.97 -18.60 11.36
N GLN B 69 2.17 -19.08 11.13
CA GLN B 69 2.50 -20.45 10.77
C GLN B 69 2.77 -21.24 12.08
N ARG B 70 1.88 -22.13 12.41
CA ARG B 70 1.98 -22.89 13.65
C ARG B 70 2.33 -24.38 13.37
N GLU B 71 3.42 -24.85 13.96
CA GLU B 71 3.85 -26.26 13.91
C GLU B 71 3.83 -26.80 15.33
N GLY B 72 2.76 -27.57 15.64
CA GLY B 72 2.52 -28.06 17.01
C GLY B 72 2.22 -26.76 17.82
N ARG B 73 3.14 -26.37 18.69
CA ARG B 73 3.01 -25.08 19.54
C ARG B 73 3.92 -23.95 18.97
N TYR B 74 4.80 -24.35 18.05
CA TYR B 74 5.84 -23.41 17.66
C TYR B 74 5.28 -22.43 16.64
N GLN B 75 5.15 -21.16 16.97
CA GLN B 75 4.50 -20.11 16.07
C GLN B 75 5.59 -19.16 15.42
N ARG B 76 5.52 -19.05 14.07
CA ARG B 76 6.32 -18.13 13.26
C ARG B 76 5.30 -17.21 12.49
N TYR B 77 5.61 -15.91 12.44
CA TYR B 77 4.80 -14.94 11.73
C TYR B 77 5.37 -14.91 10.35
N ARG B 78 4.47 -14.80 9.36
CA ARG B 78 4.88 -14.81 7.92
C ARG B 78 4.17 -13.72 7.19
N ALA B 79 4.82 -13.06 6.18
CA ALA B 79 3.99 -12.22 5.24
C ALA B 79 2.99 -13.08 4.51
N ALA B 80 1.73 -12.59 4.34
CA ALA B 80 0.72 -13.31 3.58
C ALA B 80 0.87 -12.85 2.17
N MET B 81 1.74 -13.54 1.44
CA MET B 81 2.09 -13.14 0.04
C MET B 81 0.86 -13.13 -0.91
N PRO B 82 -0.10 -14.01 -0.74
CA PRO B 82 -1.28 -13.92 -1.65
C PRO B 82 -2.05 -12.60 -1.54
N VAL B 83 -2.16 -12.16 -0.34
CA VAL B 83 -2.83 -10.96 -0.07
C VAL B 83 -1.95 -9.76 -0.53
N VAL B 84 -0.66 -9.90 -0.28
CA VAL B 84 0.29 -8.92 -0.92
C VAL B 84 0.19 -8.76 -2.46
N ARG B 85 0.27 -9.88 -3.18
CA ARG B 85 0.14 -9.91 -4.63
C ARG B 85 -1.20 -9.28 -5.07
N ALA B 86 -2.26 -9.56 -4.34
CA ALA B 86 -3.65 -8.98 -4.62
C ALA B 86 -3.69 -7.50 -4.45
N LEU B 87 -2.99 -7.00 -3.44
CA LEU B 87 -2.82 -5.56 -3.20
C LEU B 87 -2.05 -4.87 -4.31
N VAL B 88 -0.90 -5.40 -4.64
CA VAL B 88 -0.16 -4.96 -5.84
C VAL B 88 -1.03 -4.88 -7.15
N ALA B 89 -1.83 -5.90 -7.42
CA ALA B 89 -2.72 -5.97 -8.60
C ALA B 89 -3.80 -4.89 -8.48
N TYR B 90 -4.32 -4.69 -7.29
CA TYR B 90 -5.43 -3.72 -7.10
C TYR B 90 -4.94 -2.34 -7.46
N LEU B 91 -3.72 -2.04 -7.08
CA LEU B 91 -3.17 -0.70 -7.22
C LEU B 91 -2.48 -0.40 -8.59
N THR B 92 -2.16 -1.48 -9.29
CA THR B 92 -1.38 -1.34 -10.60
C THR B 92 -2.04 -1.90 -11.92
N GLU B 93 -3.18 -2.60 -11.86
CA GLU B 93 -3.71 -3.41 -12.96
C GLU B 93 -5.03 -2.94 -13.48
AS ARS C . 10.07 -14.11 -2.53
NA NA D . -4.46 8.38 -15.67
NA NA E . 7.74 -14.30 6.20
NA NA F . 10.86 -0.57 6.00
#